data_7QRO
#
_entry.id   7QRO
#
_cell.length_a   46.663
_cell.length_b   61.343
_cell.length_c   67.745
_cell.angle_alpha   90.000
_cell.angle_beta   90.000
_cell.angle_gamma   90.000
#
_symmetry.space_group_name_H-M   'P 21 21 21'
#
loop_
_entity.id
_entity.type
_entity.pdbx_description
1 polymer 'Trypanosoma brucei KKT4 463-645 K543A'
2 water water
#
_entity_poly.entity_id   1
_entity_poly.type   'polypeptide(L)'
_entity_poly.pdbx_seq_one_letter_code
;SGASSAVGGSTRSPSPVDPKRGAVQPRYFITTSLTEKERNSVMEAIQKLGQRAVLVDNKVDEILPLNTTHIVLRGPPRSV
AALCGVVSSKWLVQPSYVFDSLGAGFWLDEEVEGGLRYFPPPLRCQRFLLTMPEGVVKTMLQRVVEFGGGEVVGTKRNGS
SNDQDVVVVSSGDELLRFAISRD
;
_entity_poly.pdbx_strand_id   A
#
# COMPACT_ATOMS: atom_id res chain seq x y z
N ARG A 12 10.56 8.47 8.84
CA ARG A 12 10.33 7.84 10.16
C ARG A 12 10.76 8.84 11.22
N SER A 13 9.79 9.50 11.85
CA SER A 13 10.13 10.48 12.91
C SER A 13 9.63 9.98 14.26
N PRO A 14 9.90 8.73 14.68
CA PRO A 14 9.48 8.31 15.97
C PRO A 14 10.33 8.93 17.08
N SER A 15 9.73 9.07 18.25
CA SER A 15 10.49 9.52 19.44
C SER A 15 11.42 8.39 19.86
N PRO A 16 12.72 8.68 20.08
CA PRO A 16 13.63 7.66 20.61
C PRO A 16 13.36 7.28 22.07
N VAL A 17 12.56 8.09 22.78
CA VAL A 17 12.31 7.82 24.22
C VAL A 17 11.09 6.94 24.42
N ASP A 18 10.00 7.35 23.82
CA ASP A 18 8.73 6.64 23.93
C ASP A 18 8.13 6.58 22.54
N PRO A 19 8.68 5.74 21.67
CA PRO A 19 8.16 5.65 20.30
C PRO A 19 6.69 5.24 20.28
N LYS A 20 5.91 5.97 19.48
CA LYS A 20 4.46 5.85 19.54
C LYS A 20 4.02 4.45 19.10
N ARG A 21 3.19 3.81 19.90
CA ARG A 21 2.71 2.48 19.56
C ARG A 21 1.58 2.55 18.54
N GLY A 22 1.60 1.63 17.59
CA GLY A 22 0.46 1.39 16.74
C GLY A 22 -0.67 0.74 17.49
N ALA A 23 -1.86 0.77 16.89
CA ALA A 23 -2.99 0.19 17.57
C ALA A 23 -2.84 -1.31 17.65
N VAL A 24 -3.43 -1.88 18.68
CA VAL A 24 -3.43 -3.32 18.85
C VAL A 24 -4.65 -3.89 18.14
N GLN A 25 -4.38 -4.67 17.09
CA GLN A 25 -5.31 -5.06 16.07
C GLN A 25 -4.57 -5.94 15.06
N PRO A 26 -5.26 -6.87 14.39
CA PRO A 26 -4.59 -7.69 13.38
C PRO A 26 -4.00 -6.84 12.28
N ARG A 27 -2.84 -7.28 11.82
CA ARG A 27 -2.18 -6.72 10.65
C ARG A 27 -1.97 -7.88 9.69
N TYR A 28 -2.48 -7.74 8.48
CA TYR A 28 -2.34 -8.78 7.46
C TYR A 28 -1.41 -8.22 6.38
N PHE A 29 -0.13 -8.63 6.42
CA PHE A 29 0.89 -8.09 5.54
C PHE A 29 0.98 -8.89 4.24
N ILE A 30 1.16 -8.18 3.13
CA ILE A 30 1.65 -8.74 1.87
C ILE A 30 2.85 -7.91 1.45
N THR A 31 3.70 -8.49 0.60
CA THR A 31 4.83 -7.76 0.03
C THR A 31 4.66 -7.63 -1.48
N THR A 32 5.30 -6.61 -2.04
CA THR A 32 5.29 -6.42 -3.49
C THR A 32 6.65 -5.96 -3.97
N SER A 33 7.12 -6.61 -5.05
CA SER A 33 8.34 -6.26 -5.78
C SER A 33 9.60 -6.23 -4.92
N LEU A 34 9.58 -6.91 -3.78
CA LEU A 34 10.79 -7.07 -2.99
C LEU A 34 11.68 -8.14 -3.61
N THR A 35 12.98 -8.06 -3.32
CA THR A 35 13.84 -9.19 -3.62
C THR A 35 13.45 -10.39 -2.78
N GLU A 36 13.80 -11.59 -3.26
CA GLU A 36 13.59 -12.79 -2.46
C GLU A 36 14.23 -12.65 -1.09
N LYS A 37 15.46 -12.15 -1.04
CA LYS A 37 16.19 -11.98 0.21
C LYS A 37 15.44 -11.07 1.18
N GLU A 38 15.03 -9.89 0.73
CA GLU A 38 14.40 -8.99 1.68
C GLU A 38 12.97 -9.42 2.00
N ARG A 39 12.30 -10.14 1.08
CA ARG A 39 11.01 -10.70 1.45
C ARG A 39 11.14 -11.70 2.58
N ASN A 40 12.15 -12.58 2.53
CA ASN A 40 12.32 -13.55 3.60
C ASN A 40 12.67 -12.85 4.91
N SER A 41 13.46 -11.77 4.86
CA SER A 41 13.80 -11.07 6.10
C SER A 41 12.57 -10.38 6.69
N VAL A 42 11.70 -9.83 5.84
CA VAL A 42 10.47 -9.23 6.31
C VAL A 42 9.56 -10.28 6.93
N MET A 43 9.43 -11.42 6.24
CA MET A 43 8.64 -12.53 6.76
C MET A 43 9.12 -12.95 8.15
N GLU A 44 10.41 -13.16 8.29
CA GLU A 44 10.95 -13.64 9.56
C GLU A 44 10.72 -12.63 10.66
N ALA A 45 10.85 -11.34 10.34
CA ALA A 45 10.66 -10.28 11.34
C ALA A 45 9.21 -10.17 11.76
N ILE A 46 8.27 -10.29 10.82
CA ILE A 46 6.85 -10.31 11.18
C ILE A 46 6.56 -11.48 12.10
N GLN A 47 7.08 -12.66 11.74
CA GLN A 47 6.87 -13.87 12.53
C GLN A 47 7.49 -13.71 13.93
N LYS A 48 8.65 -13.07 14.01
CA LYS A 48 9.33 -12.93 15.28
C LYS A 48 8.61 -11.95 16.20
N LEU A 49 8.03 -10.88 15.67
CA LEU A 49 7.38 -9.91 16.58
C LEU A 49 6.00 -10.40 16.98
N GLY A 50 5.30 -10.99 16.02
CA GLY A 50 3.94 -11.48 16.27
C GLY A 50 2.98 -10.35 16.55
N GLN A 51 2.42 -10.34 17.75
CA GLN A 51 1.46 -9.29 18.18
C GLN A 51 0.35 -9.10 17.13
N ARG A 52 -0.31 -10.20 16.75
CA ARG A 52 -1.53 -10.17 15.88
C ARG A 52 -1.22 -9.92 14.40
N ALA A 53 0.05 -9.93 14.05
CA ALA A 53 0.42 -9.73 12.65
C ALA A 53 0.71 -11.06 11.98
N VAL A 54 0.31 -11.18 10.71
CA VAL A 54 0.68 -12.34 9.92
C VAL A 54 1.06 -11.87 8.52
N LEU A 55 1.89 -12.69 7.85
CA LEU A 55 2.25 -12.42 6.45
C LEU A 55 1.38 -13.33 5.58
N VAL A 56 0.63 -12.71 4.69
CA VAL A 56 -0.28 -13.45 3.79
C VAL A 56 0.42 -13.60 2.45
N ASP A 57 0.11 -14.67 1.72
CA ASP A 57 0.74 -14.91 0.40
C ASP A 57 -0.16 -14.40 -0.73
N ASN A 58 0.44 -14.04 -1.88
CA ASN A 58 -0.33 -13.61 -3.08
C ASN A 58 -1.23 -14.76 -3.56
N ILE A 63 -3.69 -7.27 -7.86
CA ILE A 63 -4.66 -8.15 -7.14
C ILE A 63 -4.16 -8.41 -5.73
N LEU A 64 -5.06 -8.28 -4.76
CA LEU A 64 -4.64 -8.43 -3.37
C LEU A 64 -5.42 -9.53 -2.68
N PRO A 65 -4.78 -10.27 -1.76
CA PRO A 65 -5.52 -11.18 -0.93
C PRO A 65 -6.62 -10.36 -0.22
N LEU A 66 -7.77 -10.99 -0.01
CA LEU A 66 -8.92 -10.25 0.57
C LEU A 66 -8.62 -9.81 2.00
N ASN A 67 -7.67 -10.47 2.64
CA ASN A 67 -7.38 -10.16 4.07
C ASN A 67 -6.29 -9.09 4.18
N THR A 68 -5.96 -8.39 3.12
CA THR A 68 -4.84 -7.42 3.17
C THR A 68 -5.12 -6.14 3.97
N THR A 69 -4.24 -5.80 4.91
CA THR A 69 -4.28 -4.48 5.55
C THR A 69 -3.05 -3.63 5.26
N HIS A 70 -1.89 -4.26 5.05
CA HIS A 70 -0.60 -3.59 4.93
C HIS A 70 0.14 -4.19 3.75
N ILE A 71 0.71 -3.33 2.90
CA ILE A 71 1.57 -3.75 1.81
C ILE A 71 2.99 -3.26 2.08
N VAL A 72 3.94 -4.19 2.10
CA VAL A 72 5.35 -3.83 2.26
C VAL A 72 5.96 -3.67 0.88
N LEU A 73 6.57 -2.51 0.65
CA LEU A 73 7.22 -2.23 -0.63
C LEU A 73 8.43 -1.38 -0.37
N ARG A 74 9.39 -1.45 -1.29
CA ARG A 74 10.58 -0.62 -1.22
C ARG A 74 10.44 0.53 -2.22
N GLY A 75 10.43 1.75 -1.71
CA GLY A 75 10.27 2.91 -2.57
C GLY A 75 8.82 3.29 -2.76
N PRO A 76 8.54 4.09 -3.78
CA PRO A 76 7.17 4.59 -4.00
C PRO A 76 6.29 3.56 -4.68
N PRO A 77 4.97 3.72 -4.63
CA PRO A 77 4.10 2.73 -5.27
C PRO A 77 4.32 2.66 -6.78
N ARG A 78 4.62 1.45 -7.27
CA ARG A 78 4.86 1.24 -8.70
C ARG A 78 4.13 0.04 -9.25
N SER A 79 4.08 -1.07 -8.51
CA SER A 79 3.45 -2.28 -9.01
C SER A 79 1.93 -2.16 -9.02
N VAL A 80 1.29 -3.06 -9.76
CA VAL A 80 -0.17 -3.09 -9.76
C VAL A 80 -0.69 -3.31 -8.34
N ALA A 81 -0.02 -4.19 -7.59
CA ALA A 81 -0.48 -4.46 -6.23
C ALA A 81 -0.38 -3.20 -5.37
N ALA A 82 0.72 -2.47 -5.51
CA ALA A 82 0.89 -1.24 -4.74
C ALA A 82 -0.18 -0.20 -5.08
N LEU A 83 -0.44 0.03 -6.37
CA LEU A 83 -1.52 0.96 -6.72
C LEU A 83 -2.88 0.49 -6.25
N CYS A 84 -3.16 -0.80 -6.34
CA CYS A 84 -4.42 -1.29 -5.78
C CYS A 84 -4.51 -1.01 -4.27
N GLY A 85 -3.38 -1.15 -3.55
CA GLY A 85 -3.36 -0.78 -2.15
C GLY A 85 -3.61 0.70 -1.92
N VAL A 86 -2.99 1.55 -2.76
CA VAL A 86 -3.21 2.99 -2.66
C VAL A 86 -4.70 3.30 -2.71
N VAL A 87 -5.40 2.71 -3.68
CA VAL A 87 -6.77 3.12 -3.94
C VAL A 87 -7.80 2.38 -3.10
N SER A 88 -7.39 1.36 -2.35
CA SER A 88 -8.29 0.64 -1.46
C SER A 88 -7.98 0.88 0.01
N SER A 89 -7.32 2.00 0.33
CA SER A 89 -7.05 2.40 1.71
C SER A 89 -6.30 1.32 2.49
N LYS A 90 -5.32 0.70 1.85
CA LYS A 90 -4.36 -0.11 2.61
C LYS A 90 -3.21 0.77 3.08
N TRP A 91 -2.54 0.31 4.14
CA TRP A 91 -1.26 0.91 4.52
C TRP A 91 -0.17 0.46 3.56
N LEU A 92 0.65 1.39 3.09
CA LEU A 92 1.82 1.09 2.29
C LEU A 92 3.02 1.47 3.14
N VAL A 93 3.79 0.47 3.55
CA VAL A 93 4.91 0.73 4.46
C VAL A 93 6.19 0.19 3.85
N GLN A 94 7.31 0.82 4.22
CA GLN A 94 8.62 0.31 3.81
C GLN A 94 9.03 -0.88 4.68
N PRO A 95 9.97 -1.71 4.21
CA PRO A 95 10.46 -2.79 5.08
C PRO A 95 10.94 -2.30 6.44
N SER A 96 11.44 -1.07 6.51
CA SER A 96 11.87 -0.49 7.78
C SER A 96 10.74 -0.45 8.80
N TYR A 97 9.48 -0.32 8.35
CA TYR A 97 8.39 -0.33 9.33
C TYR A 97 8.39 -1.62 10.14
N VAL A 98 8.60 -2.75 9.46
CA VAL A 98 8.65 -4.06 10.12
C VAL A 98 9.91 -4.18 10.99
N PHE A 99 11.07 -3.85 10.44
CA PHE A 99 12.30 -3.99 11.21
C PHE A 99 12.34 -3.03 12.39
N ASP A 100 11.88 -1.77 12.18
CA ASP A 100 11.85 -0.81 13.29
C ASP A 100 10.91 -1.26 14.40
N SER A 101 9.75 -1.84 14.02
CA SER A 101 8.80 -2.33 15.01
C SER A 101 9.39 -3.48 15.81
N LEU A 102 10.07 -4.42 15.13
CA LEU A 102 10.77 -5.48 15.84
C LEU A 102 11.81 -4.91 16.80
N GLY A 103 12.54 -3.89 16.35
CA GLY A 103 13.52 -3.25 17.23
C GLY A 103 12.89 -2.58 18.44
N ALA A 104 11.70 -2.00 18.26
CA ALA A 104 11.01 -1.32 19.36
C ALA A 104 10.32 -2.30 20.29
N GLY A 105 10.03 -3.50 19.81
CA GLY A 105 9.33 -4.48 20.61
C GLY A 105 7.83 -4.51 20.44
N PHE A 106 7.27 -3.72 19.53
CA PHE A 106 5.83 -3.68 19.28
C PHE A 106 5.59 -3.03 17.93
N TRP A 107 4.40 -3.23 17.37
CA TRP A 107 4.06 -2.56 16.12
C TRP A 107 3.99 -1.04 16.37
N LEU A 108 4.79 -0.30 15.62
CA LEU A 108 4.84 1.15 15.74
C LEU A 108 3.65 1.79 15.04
N ASP A 109 3.41 3.06 15.36
CA ASP A 109 2.37 3.81 14.67
C ASP A 109 2.75 3.97 13.19
N GLU A 110 1.85 3.54 12.28
CA GLU A 110 2.19 3.54 10.87
C GLU A 110 2.48 4.95 10.36
N GLU A 111 1.67 5.93 10.76
CA GLU A 111 1.88 7.30 10.26
C GLU A 111 3.21 7.88 10.72
N VAL A 112 3.56 7.71 11.99
CA VAL A 112 4.80 8.30 12.49
C VAL A 112 6.00 7.67 11.80
N GLU A 113 5.88 6.42 11.36
CA GLU A 113 6.94 5.73 10.64
C GLU A 113 7.02 6.13 9.17
N GLY A 114 6.14 7.01 8.71
CA GLY A 114 6.14 7.39 7.31
C GLY A 114 5.26 6.56 6.42
N GLY A 115 4.48 5.63 6.99
CA GLY A 115 3.58 4.84 6.17
C GLY A 115 2.52 5.69 5.50
N LEU A 116 1.99 5.17 4.40
CA LEU A 116 1.04 5.89 3.56
C LEU A 116 -0.30 5.18 3.59
N ARG A 117 -1.38 5.94 3.77
CA ARG A 117 -2.71 5.38 3.67
C ARG A 117 -3.66 6.49 3.24
N TYR A 118 -4.45 6.20 2.20
CA TYR A 118 -5.33 7.18 1.59
C TYR A 118 -6.77 6.77 1.87
N PHE A 119 -7.42 7.50 2.76
CA PHE A 119 -8.76 7.17 3.25
C PHE A 119 -9.59 8.44 3.23
N PRO A 120 -10.81 8.43 2.69
CA PRO A 120 -11.49 7.25 2.14
C PRO A 120 -10.94 6.90 0.75
N PRO A 121 -11.33 5.77 0.18
CA PRO A 121 -10.77 5.38 -1.11
C PRO A 121 -10.92 6.52 -2.11
N PRO A 122 -9.80 7.01 -2.61
CA PRO A 122 -9.87 7.96 -3.70
C PRO A 122 -10.30 7.15 -4.92
N LEU A 123 -10.74 7.85 -5.94
CA LEU A 123 -11.28 7.27 -7.15
C LEU A 123 -12.71 6.79 -6.94
N ARG A 124 -13.21 6.68 -5.70
CA ARG A 124 -14.52 6.07 -5.51
C ARG A 124 -15.59 6.97 -6.11
N CYS A 125 -16.42 6.39 -6.97
CA CYS A 125 -17.46 7.08 -7.73
C CYS A 125 -16.91 8.23 -8.59
N GLN A 126 -15.63 8.17 -8.94
CA GLN A 126 -15.04 9.09 -9.90
C GLN A 126 -14.95 8.41 -11.27
N ARG A 127 -14.98 9.23 -12.32
CA ARG A 127 -14.91 8.76 -13.70
C ARG A 127 -13.58 9.16 -14.32
N PHE A 128 -12.96 8.23 -15.06
CA PHE A 128 -11.61 8.41 -15.58
C PHE A 128 -11.59 8.15 -17.09
N LEU A 129 -10.99 9.07 -17.83
CA LEU A 129 -10.79 8.95 -19.26
C LEU A 129 -9.31 8.68 -19.49
N LEU A 130 -8.99 7.48 -19.99
CA LEU A 130 -7.60 7.05 -20.15
C LEU A 130 -7.17 7.40 -21.57
N THR A 131 -6.50 8.54 -21.72
CA THR A 131 -6.08 9.01 -23.03
C THR A 131 -4.70 8.43 -23.32
N MET A 132 -4.70 7.14 -23.68
CA MET A 132 -3.51 6.38 -24.04
C MET A 132 -3.99 5.28 -24.97
N PRO A 133 -3.10 4.71 -25.77
CA PRO A 133 -3.50 3.59 -26.62
C PRO A 133 -3.71 2.32 -25.80
N GLU A 134 -4.41 1.36 -26.40
CA GLU A 134 -4.62 0.07 -25.74
C GLU A 134 -3.29 -0.63 -25.53
N GLY A 135 -3.27 -1.49 -24.53
CA GLY A 135 -2.09 -2.24 -24.17
C GLY A 135 -2.13 -2.59 -22.70
N VAL A 136 -1.11 -3.34 -22.28
CA VAL A 136 -1.04 -3.82 -20.89
C VAL A 136 -1.13 -2.68 -19.88
N VAL A 137 -0.54 -1.51 -20.18
CA VAL A 137 -0.56 -0.45 -19.19
C VAL A 137 -1.99 0.08 -19.04
N LYS A 138 -2.65 0.32 -20.17
CA LYS A 138 -4.04 0.79 -20.11
C LYS A 138 -4.91 -0.23 -19.38
N THR A 139 -4.71 -1.52 -19.67
CA THR A 139 -5.50 -2.57 -19.02
C THR A 139 -5.27 -2.58 -17.52
N MET A 140 -4.01 -2.49 -17.09
CA MET A 140 -3.71 -2.43 -15.66
C MET A 140 -4.34 -1.21 -14.99
N LEU A 141 -4.26 -0.04 -15.61
CA LEU A 141 -4.86 1.14 -15.00
C LEU A 141 -6.37 1.02 -14.91
N GLN A 142 -7.01 0.41 -15.93
CA GLN A 142 -8.44 0.16 -15.82
C GLN A 142 -8.75 -0.74 -14.62
N ARG A 143 -7.91 -1.76 -14.39
CA ARG A 143 -8.16 -2.64 -13.25
C ARG A 143 -7.94 -1.91 -11.93
N VAL A 144 -6.98 -0.98 -11.88
CA VAL A 144 -6.76 -0.20 -10.68
C VAL A 144 -7.95 0.72 -10.42
N VAL A 145 -8.41 1.39 -11.47
CA VAL A 145 -9.56 2.28 -11.33
C VAL A 145 -10.75 1.52 -10.76
N GLU A 146 -11.01 0.33 -11.32
CA GLU A 146 -12.17 -0.44 -10.88
C GLU A 146 -11.97 -0.98 -9.48
N PHE A 147 -10.74 -1.40 -9.14
CA PHE A 147 -10.45 -1.88 -7.80
C PHE A 147 -10.68 -0.79 -6.76
N GLY A 148 -10.52 0.47 -7.14
CA GLY A 148 -10.77 1.59 -6.25
C GLY A 148 -12.19 2.07 -6.29
N GLY A 149 -13.07 1.38 -7.01
CA GLY A 149 -14.45 1.78 -7.08
C GLY A 149 -14.73 2.89 -8.06
N GLY A 150 -13.78 3.23 -8.90
CA GLY A 150 -13.99 4.19 -9.96
C GLY A 150 -14.52 3.54 -11.21
N GLU A 151 -14.80 4.37 -12.21
CA GLU A 151 -15.30 3.90 -13.49
C GLU A 151 -14.45 4.50 -14.61
N VAL A 152 -14.14 3.68 -15.60
CA VAL A 152 -13.43 4.13 -16.78
C VAL A 152 -14.43 4.52 -17.86
N VAL A 153 -14.26 5.73 -18.41
CA VAL A 153 -15.16 6.23 -19.44
C VAL A 153 -14.88 5.45 -20.73
N GLY A 154 -15.92 4.84 -21.29
CA GLY A 154 -15.77 4.03 -22.49
C GLY A 154 -15.49 4.84 -23.73
N VAL A 166 -14.35 12.22 -16.01
CA VAL A 166 -14.07 13.66 -15.84
C VAL A 166 -12.65 13.86 -15.34
N VAL A 167 -11.93 12.76 -15.05
CA VAL A 167 -10.47 12.89 -14.72
C VAL A 167 -9.69 12.26 -15.87
N VAL A 168 -8.91 13.08 -16.55
CA VAL A 168 -8.13 12.62 -17.72
C VAL A 168 -6.78 12.12 -17.22
N VAL A 169 -6.43 10.94 -17.68
CA VAL A 169 -5.19 10.29 -17.25
C VAL A 169 -4.47 9.77 -18.50
N SER A 170 -3.22 10.20 -18.70
CA SER A 170 -2.41 9.70 -19.82
C SER A 170 -1.29 8.78 -19.36
N SER A 171 -1.15 8.57 -18.06
CA SER A 171 -0.06 7.76 -17.53
C SER A 171 -0.48 7.24 -16.15
N GLY A 172 0.14 6.13 -15.75
CA GLY A 172 -0.12 5.64 -14.40
C GLY A 172 0.34 6.64 -13.35
N ASP A 173 1.41 7.38 -13.67
CA ASP A 173 1.90 8.44 -12.80
C ASP A 173 0.81 9.48 -12.49
N GLU A 174 0.04 9.87 -13.51
CA GLU A 174 -0.99 10.88 -13.29
C GLU A 174 -2.10 10.34 -12.42
N LEU A 175 -2.49 9.07 -12.63
CA LEU A 175 -3.49 8.45 -11.78
C LEU A 175 -3.01 8.39 -10.33
N LEU A 176 -1.74 8.03 -10.12
CA LEU A 176 -1.23 7.95 -8.75
C LEU A 176 -1.24 9.32 -8.08
N ARG A 177 -0.86 10.37 -8.83
CA ARG A 177 -0.86 11.70 -8.23
C ARG A 177 -2.26 12.16 -7.88
N PHE A 178 -3.25 11.81 -8.72
CA PHE A 178 -4.63 12.12 -8.37
C PHE A 178 -5.02 11.39 -7.09
N ALA A 179 -4.69 10.10 -7.02
CA ALA A 179 -5.14 9.26 -5.92
C ALA A 179 -4.59 9.72 -4.58
N ILE A 180 -3.34 10.23 -4.54
CA ILE A 180 -2.73 10.60 -3.27
C ILE A 180 -3.00 12.05 -2.87
N SER A 181 -3.83 12.76 -3.62
CA SER A 181 -4.01 14.19 -3.41
C SER A 181 -5.47 14.59 -3.17
N ARG A 182 -6.30 13.64 -2.76
CA ARG A 182 -7.74 13.91 -2.55
C ARG A 182 -8.04 14.26 -1.08
N ASP A 183 -9.22 14.83 -0.83
CA ASP A 183 -9.68 15.10 0.56
C ASP A 183 -8.62 15.91 1.32
#